data_2VC6
#
_entry.id   2VC6
#
_cell.length_a   68.900
_cell.length_b   138.700
_cell.length_c   123.200
_cell.angle_alpha   90.00
_cell.angle_beta   90.00
_cell.angle_gamma   90.00
#
_symmetry.space_group_name_H-M   'C 2 2 21'
#
loop_
_entity.id
_entity.type
_entity.pdbx_description
1 polymer 'DIHYDRODIPICOLINATE SYNTHASE'
2 water water
#
_entity_poly.entity_id   1
_entity_poly.type   'polypeptide(L)'
_entity_poly.pdbx_seq_one_letter_code
;MFEGSITALVTPFADDRIDEVALHDLVEWQIEEGSFGLVPCGTTGESPTLSKSEHEQVVEITIKTANGRVPVIAGAGSNS
TAEAIAFVRHAQNAGADGVLIVSPYYNKPTQEGIYQHFKAIDAASTIPIIVYNIPGRSAIEIHVETLARIFEDCPNVKGV
(KPI)DATGNLLRPSLERMACGEDFNLLTGEDGTALGYMAHGGHGCISVTANVAPALCADFQQACLNGDFAAALKLQDRL
MPLHRALFLETNPAGAKYALQRLGRMRGDLRLPLVTISPSFQEEIDDAMRHAGILL
;
_entity_poly.pdbx_strand_id   A,B
#
# COMPACT_ATOMS: atom_id res chain seq x y z
N MET A 1 22.62 18.21 -5.28
CA MET A 1 21.54 18.75 -4.40
C MET A 1 20.32 19.19 -5.21
N PHE A 2 19.15 18.77 -4.78
CA PHE A 2 17.90 19.13 -5.42
C PHE A 2 17.30 20.25 -4.56
N GLU A 3 16.64 21.21 -5.20
CA GLU A 3 16.03 22.33 -4.48
C GLU A 3 14.93 23.01 -5.27
N GLY A 4 14.22 23.91 -4.61
CA GLY A 4 13.16 24.64 -5.25
C GLY A 4 11.86 23.89 -5.44
N SER A 5 11.09 24.30 -6.45
CA SER A 5 9.81 23.68 -6.73
C SER A 5 9.97 22.55 -7.73
N ILE A 6 9.94 21.32 -7.22
CA ILE A 6 10.08 20.10 -8.01
C ILE A 6 8.68 19.51 -8.16
N THR A 7 8.11 19.63 -9.35
CA THR A 7 6.76 19.16 -9.60
C THR A 7 6.53 17.64 -9.67
N ALA A 8 5.64 17.16 -8.80
CA ALA A 8 5.28 15.74 -8.79
C ALA A 8 4.17 15.67 -9.85
N LEU A 9 4.59 15.51 -11.10
CA LEU A 9 3.71 15.48 -12.26
C LEU A 9 2.50 14.55 -12.23
N VAL A 10 1.34 15.08 -12.61
CA VAL A 10 0.14 14.26 -12.69
C VAL A 10 0.31 13.53 -14.03
N THR A 11 -0.26 12.35 -14.17
CA THR A 11 -0.13 11.60 -15.41
C THR A 11 -1.41 11.74 -16.23
N PRO A 12 -1.37 12.52 -17.33
CA PRO A 12 -2.57 12.70 -18.14
C PRO A 12 -3.03 11.46 -18.90
N PHE A 13 -4.32 11.15 -18.78
CA PHE A 13 -4.92 9.99 -19.44
C PHE A 13 -5.92 10.48 -20.47
N ALA A 14 -6.14 9.65 -21.49
CA ALA A 14 -7.10 9.93 -22.55
C ALA A 14 -7.40 8.58 -23.18
N ASP A 15 -8.69 8.22 -23.22
CA ASP A 15 -9.13 6.96 -23.79
C ASP A 15 -8.46 5.75 -23.13
N ASP A 16 -8.26 5.84 -21.83
CA ASP A 16 -7.65 4.76 -21.06
C ASP A 16 -6.18 4.53 -21.39
N ARG A 17 -5.54 5.53 -21.96
CA ARG A 17 -4.13 5.42 -22.30
C ARG A 17 -3.44 6.70 -21.84
N ILE A 18 -2.11 6.67 -21.78
CA ILE A 18 -1.38 7.88 -21.39
C ILE A 18 -1.63 8.88 -22.50
N ASP A 19 -1.92 10.13 -22.14
CA ASP A 19 -2.12 11.18 -23.13
C ASP A 19 -0.72 11.77 -23.34
N GLU A 20 0.02 11.22 -24.30
CA GLU A 20 1.38 11.66 -24.56
C GLU A 20 1.53 13.11 -24.97
N VAL A 21 0.61 13.62 -25.79
CA VAL A 21 0.72 15.02 -26.20
C VAL A 21 0.52 15.93 -24.99
N ALA A 22 -0.47 15.60 -24.16
CA ALA A 22 -0.74 16.37 -22.96
C ALA A 22 0.44 16.28 -21.98
N LEU A 23 1.04 15.09 -21.87
CA LEU A 23 2.17 14.91 -20.96
C LEU A 23 3.35 15.77 -21.40
N HIS A 24 3.64 15.75 -22.70
CA HIS A 24 4.73 16.54 -23.26
C HIS A 24 4.54 18.05 -23.02
N ASP A 25 3.34 18.56 -23.31
CA ASP A 25 3.04 19.99 -23.12
C ASP A 25 3.04 20.38 -21.64
N LEU A 26 2.76 19.43 -20.77
CA LEU A 26 2.74 19.69 -19.34
C LEU A 26 4.19 19.86 -18.87
N VAL A 27 5.06 18.94 -19.28
CA VAL A 27 6.46 19.03 -18.89
C VAL A 27 7.08 20.33 -19.41
N GLU A 28 6.82 20.63 -20.67
CA GLU A 28 7.34 21.82 -21.33
C GLU A 28 6.90 23.12 -20.65
N TRP A 29 5.60 23.27 -20.48
CA TRP A 29 5.01 24.44 -19.85
C TRP A 29 5.56 24.61 -18.44
N GLN A 30 5.69 23.47 -17.78
CA GLN A 30 6.20 23.35 -16.42
C GLN A 30 7.61 23.95 -16.35
N ILE A 31 8.43 23.59 -17.32
CA ILE A 31 9.82 24.06 -17.42
C ILE A 31 9.94 25.54 -17.78
N GLU A 32 9.15 25.99 -18.75
CA GLU A 32 9.19 27.39 -19.15
C GLU A 32 8.52 28.28 -18.10
N GLU A 33 7.82 27.67 -17.15
CA GLU A 33 7.14 28.42 -16.10
C GLU A 33 8.09 28.58 -14.90
N GLY A 34 9.21 27.88 -14.92
CA GLY A 34 10.17 28.02 -13.84
C GLY A 34 10.36 26.90 -12.85
N SER A 35 9.72 25.75 -13.06
CA SER A 35 9.89 24.65 -12.11
C SER A 35 11.34 24.20 -12.04
N PHE A 36 11.80 23.91 -10.82
CA PHE A 36 13.19 23.50 -10.58
C PHE A 36 13.50 22.06 -10.98
N GLY A 37 12.50 21.20 -10.96
CA GLY A 37 12.71 19.80 -11.33
C GLY A 37 11.39 19.08 -11.48
N LEU A 38 11.42 17.90 -12.10
CA LEU A 38 10.22 17.10 -12.33
C LEU A 38 10.33 15.71 -11.74
N VAL A 39 9.21 15.24 -11.17
CA VAL A 39 9.14 13.92 -10.59
C VAL A 39 8.03 13.15 -11.30
N PRO A 40 8.37 12.38 -12.35
CA PRO A 40 7.37 11.62 -13.06
C PRO A 40 7.04 10.32 -12.33
N CYS A 41 5.78 9.90 -12.41
CA CYS A 41 5.33 8.66 -11.78
C CYS A 41 5.46 8.58 -10.27
N GLY A 42 5.19 9.70 -9.59
CA GLY A 42 5.21 9.69 -8.14
C GLY A 42 3.79 9.31 -7.75
N THR A 43 3.39 9.52 -6.50
CA THR A 43 2.03 9.18 -6.10
C THR A 43 1.01 10.12 -6.79
N THR A 44 1.44 11.35 -7.07
CA THR A 44 0.59 12.34 -7.73
C THR A 44 0.48 11.99 -9.21
N GLY A 45 1.37 11.13 -9.68
CA GLY A 45 1.35 10.70 -11.07
C GLY A 45 0.59 9.39 -11.18
N GLU A 46 -0.17 9.05 -10.14
CA GLU A 46 -0.95 7.83 -10.11
C GLU A 46 -0.13 6.60 -10.50
N SER A 47 1.09 6.48 -9.97
CA SER A 47 1.93 5.33 -10.26
C SER A 47 1.26 3.99 -9.95
N PRO A 48 0.48 3.91 -8.84
CA PRO A 48 -0.18 2.65 -8.50
C PRO A 48 -1.11 2.04 -9.55
N THR A 49 -1.68 2.89 -10.41
CA THR A 49 -2.58 2.42 -11.46
C THR A 49 -1.91 2.44 -12.85
N LEU A 50 -0.59 2.60 -12.87
CA LEU A 50 0.17 2.62 -14.11
C LEU A 50 0.71 1.23 -14.41
N SER A 51 0.60 0.78 -15.66
CA SER A 51 1.14 -0.51 -16.04
C SER A 51 2.64 -0.30 -16.05
N LYS A 52 3.43 -1.35 -15.95
CA LYS A 52 4.88 -1.16 -15.95
C LYS A 52 5.36 -0.51 -17.24
N SER A 53 4.66 -0.79 -18.34
CA SER A 53 5.04 -0.20 -19.62
C SER A 53 4.69 1.29 -19.63
N GLU A 54 3.57 1.65 -19.01
CA GLU A 54 3.15 3.05 -18.96
C GLU A 54 4.10 3.80 -18.06
N HIS A 55 4.49 3.17 -16.97
CA HIS A 55 5.43 3.79 -16.05
C HIS A 55 6.65 4.23 -16.86
N GLU A 56 7.24 3.28 -17.59
CA GLU A 56 8.42 3.57 -18.40
C GLU A 56 8.21 4.68 -19.46
N GLN A 57 7.10 4.63 -20.17
CA GLN A 57 6.83 5.64 -21.19
C GLN A 57 6.74 7.04 -20.55
N VAL A 58 6.09 7.13 -19.39
CA VAL A 58 5.96 8.42 -18.74
C VAL A 58 7.31 8.96 -18.29
N VAL A 59 8.15 8.10 -17.72
CA VAL A 59 9.48 8.53 -17.29
C VAL A 59 10.32 9.01 -18.48
N GLU A 60 10.32 8.21 -19.54
CA GLU A 60 11.06 8.50 -20.76
C GLU A 60 10.61 9.76 -21.48
N ILE A 61 9.31 9.98 -21.55
CA ILE A 61 8.78 11.17 -22.21
C ILE A 61 9.19 12.42 -21.44
N THR A 62 9.17 12.32 -20.12
CA THR A 62 9.54 13.44 -19.25
C THR A 62 11.03 13.74 -19.41
N ILE A 63 11.85 12.69 -19.39
CA ILE A 63 13.29 12.87 -19.56
C ILE A 63 13.59 13.49 -20.92
N LYS A 64 13.06 12.90 -22.00
CA LYS A 64 13.27 13.41 -23.35
C LYS A 64 12.81 14.86 -23.50
N THR A 65 11.66 15.19 -22.92
CA THR A 65 11.13 16.54 -23.01
C THR A 65 11.98 17.50 -22.17
N ALA A 66 12.36 17.07 -20.97
CA ALA A 66 13.16 17.92 -20.09
C ALA A 66 14.45 18.30 -20.82
N ASN A 67 14.99 17.36 -21.59
CA ASN A 67 16.19 17.58 -22.36
C ASN A 67 17.31 18.19 -21.53
N GLY A 68 17.47 17.69 -20.31
CA GLY A 68 18.52 18.16 -19.43
C GLY A 68 18.34 19.56 -18.86
N ARG A 69 17.20 20.20 -19.11
CA ARG A 69 16.99 21.55 -18.61
C ARG A 69 16.78 21.62 -17.11
N VAL A 70 16.09 20.62 -16.58
CA VAL A 70 15.83 20.55 -15.15
C VAL A 70 16.02 19.09 -14.78
N PRO A 71 16.36 18.83 -13.51
CA PRO A 71 16.56 17.45 -13.07
C PRO A 71 15.23 16.68 -13.11
N VAL A 72 15.32 15.41 -13.45
CA VAL A 72 14.15 14.54 -13.51
C VAL A 72 14.41 13.42 -12.49
N ILE A 73 13.60 13.40 -11.42
CA ILE A 73 13.72 12.38 -10.38
C ILE A 73 12.55 11.44 -10.58
N ALA A 74 12.83 10.24 -11.07
CA ALA A 74 11.81 9.25 -11.36
C ALA A 74 11.27 8.50 -10.17
N GLY A 75 9.94 8.37 -10.12
CA GLY A 75 9.31 7.61 -9.05
C GLY A 75 9.69 6.17 -9.34
N ALA A 76 10.21 5.46 -8.34
CA ALA A 76 10.62 4.07 -8.54
C ALA A 76 10.40 3.23 -7.30
N GLY A 77 9.44 3.62 -6.46
CA GLY A 77 9.18 2.87 -5.25
C GLY A 77 8.26 1.68 -5.44
N SER A 78 8.20 0.83 -4.44
CA SER A 78 7.36 -0.36 -4.46
C SER A 78 7.48 -1.01 -3.09
N ASN A 79 6.49 -1.82 -2.70
CA ASN A 79 6.58 -2.49 -1.41
C ASN A 79 7.28 -3.85 -1.57
N SER A 80 7.89 -4.01 -2.74
CA SER A 80 8.67 -5.19 -3.10
C SER A 80 10.07 -4.64 -3.44
N THR A 81 11.08 -5.05 -2.69
CA THR A 81 12.44 -4.57 -2.95
C THR A 81 12.92 -4.95 -4.35
N ALA A 82 12.56 -6.14 -4.79
CA ALA A 82 12.94 -6.61 -6.11
C ALA A 82 12.34 -5.69 -7.18
N GLU A 83 11.08 -5.34 -7.02
CA GLU A 83 10.39 -4.47 -7.97
C GLU A 83 10.99 -3.07 -7.98
N ALA A 84 11.35 -2.55 -6.80
CA ALA A 84 11.94 -1.22 -6.70
C ALA A 84 13.26 -1.17 -7.46
N ILE A 85 14.04 -2.25 -7.38
CA ILE A 85 15.32 -2.34 -8.08
C ILE A 85 15.12 -2.31 -9.60
N ALA A 86 14.00 -2.86 -10.04
CA ALA A 86 13.68 -2.87 -11.47
C ALA A 86 13.33 -1.46 -11.96
N PHE A 87 12.59 -0.71 -11.15
CA PHE A 87 12.22 0.65 -11.52
C PHE A 87 13.44 1.58 -11.54
N VAL A 88 14.34 1.38 -10.57
CA VAL A 88 15.55 2.18 -10.47
C VAL A 88 16.48 1.88 -11.65
N ARG A 89 16.65 0.60 -11.96
CA ARG A 89 17.51 0.22 -13.08
C ARG A 89 16.99 0.81 -14.38
N HIS A 90 15.69 0.73 -14.59
CA HIS A 90 15.13 1.29 -15.80
C HIS A 90 15.36 2.80 -15.84
N ALA A 91 15.02 3.47 -14.75
CA ALA A 91 15.16 4.91 -14.65
C ALA A 91 16.55 5.41 -14.99
N GLN A 92 17.57 4.93 -14.27
CA GLN A 92 18.93 5.37 -14.51
C GLN A 92 19.37 5.04 -15.94
N ASN A 93 18.94 3.89 -16.47
CA ASN A 93 19.27 3.51 -17.83
C ASN A 93 18.59 4.43 -18.85
N ALA A 94 17.51 5.08 -18.42
CA ALA A 94 16.75 6.00 -19.28
C ALA A 94 17.28 7.42 -19.17
N GLY A 95 18.22 7.64 -18.27
CA GLY A 95 18.78 8.96 -18.10
C GLY A 95 18.19 9.82 -17.00
N ALA A 96 17.52 9.19 -16.03
CA ALA A 96 16.93 9.93 -14.91
C ALA A 96 18.05 10.44 -14.01
N ASP A 97 17.83 11.60 -13.40
CA ASP A 97 18.84 12.21 -12.53
C ASP A 97 18.84 11.66 -11.11
N GLY A 98 17.79 10.91 -10.78
CA GLY A 98 17.67 10.35 -9.45
C GLY A 98 16.36 9.60 -9.37
N VAL A 99 16.07 9.01 -8.21
CA VAL A 99 14.85 8.25 -8.01
C VAL A 99 14.16 8.56 -6.68
N LEU A 100 12.82 8.53 -6.69
CA LEU A 100 12.02 8.79 -5.50
C LEU A 100 11.51 7.43 -5.02
N ILE A 101 12.04 6.96 -3.91
CA ILE A 101 11.70 5.65 -3.35
C ILE A 101 10.85 5.76 -2.09
N VAL A 102 9.56 5.46 -2.19
CA VAL A 102 8.69 5.54 -1.03
C VAL A 102 9.01 4.40 -0.07
N SER A 103 8.64 4.56 1.21
CA SER A 103 8.84 3.49 2.18
C SER A 103 7.85 2.37 1.80
N PRO A 104 8.25 1.10 1.99
CA PRO A 104 7.33 0.00 1.64
C PRO A 104 5.95 0.16 2.31
N TYR A 105 4.91 0.26 1.48
CA TYR A 105 3.54 0.44 1.97
C TYR A 105 2.79 -0.87 2.14
N TYR A 106 1.76 -0.82 2.98
CA TYR A 106 0.91 -1.97 3.25
C TYR A 106 1.52 -3.16 3.98
N ASN A 107 2.70 -3.63 3.54
CA ASN A 107 3.29 -4.80 4.21
C ASN A 107 3.98 -4.55 5.56
N LYS A 108 3.99 -3.29 5.99
CA LYS A 108 4.55 -2.86 7.26
C LYS A 108 5.83 -3.54 7.76
N PRO A 109 6.94 -3.39 7.01
CA PRO A 109 8.20 -4.01 7.41
C PRO A 109 8.80 -3.35 8.67
N THR A 110 9.62 -4.09 9.41
CA THR A 110 10.25 -3.55 10.61
C THR A 110 11.25 -2.51 10.17
N GLN A 111 11.92 -1.84 11.11
CA GLN A 111 12.91 -0.82 10.72
C GLN A 111 14.12 -1.45 10.02
N GLU A 112 14.50 -2.65 10.44
CA GLU A 112 15.62 -3.38 9.86
C GLU A 112 15.29 -3.79 8.43
N GLY A 113 14.02 -4.11 8.17
CA GLY A 113 13.60 -4.49 6.83
C GLY A 113 13.61 -3.30 5.88
N ILE A 114 13.23 -2.13 6.40
CA ILE A 114 13.23 -0.91 5.61
C ILE A 114 14.69 -0.58 5.27
N TYR A 115 15.56 -0.68 6.27
CA TYR A 115 16.99 -0.42 6.10
C TYR A 115 17.57 -1.35 5.03
N GLN A 116 17.19 -2.62 5.05
CA GLN A 116 17.69 -3.59 4.06
C GLN A 116 17.07 -3.33 2.69
N HIS A 117 15.87 -2.77 2.69
CA HIS A 117 15.16 -2.44 1.47
C HIS A 117 16.01 -1.43 0.70
N PHE A 118 16.32 -0.32 1.36
CA PHE A 118 17.09 0.74 0.75
C PHE A 118 18.55 0.38 0.50
N LYS A 119 19.08 -0.56 1.27
CA LYS A 119 20.47 -0.96 1.09
C LYS A 119 20.59 -1.82 -0.16
N ALA A 120 19.54 -2.60 -0.44
CA ALA A 120 19.51 -3.47 -1.62
C ALA A 120 19.32 -2.64 -2.89
N ILE A 121 18.55 -1.55 -2.75
CA ILE A 121 18.28 -0.65 -3.87
C ILE A 121 19.50 0.22 -4.14
N ASP A 122 20.17 0.65 -3.09
CA ASP A 122 21.36 1.49 -3.23
C ASP A 122 22.49 0.73 -3.95
N ALA A 123 22.51 -0.58 -3.78
CA ALA A 123 23.52 -1.43 -4.40
C ALA A 123 23.28 -1.62 -5.89
N ALA A 124 22.03 -1.45 -6.32
CA ALA A 124 21.69 -1.60 -7.72
C ALA A 124 21.64 -0.25 -8.44
N SER A 125 21.72 0.81 -7.66
CA SER A 125 21.65 2.16 -8.22
C SER A 125 23.01 2.77 -8.59
N THR A 126 22.95 3.75 -9.49
CA THR A 126 24.13 4.47 -9.94
C THR A 126 23.75 5.95 -9.92
N ILE A 127 22.51 6.23 -9.51
CA ILE A 127 21.99 7.58 -9.44
C ILE A 127 21.46 7.91 -8.03
N PRO A 128 21.36 9.21 -7.69
CA PRO A 128 20.87 9.70 -6.39
C PRO A 128 19.53 9.12 -5.95
N ILE A 129 19.43 8.78 -4.66
CA ILE A 129 18.19 8.22 -4.12
C ILE A 129 17.56 9.14 -3.05
N ILE A 130 16.27 9.42 -3.22
CA ILE A 130 15.56 10.26 -2.25
C ILE A 130 14.51 9.36 -1.57
N VAL A 131 14.54 9.31 -0.24
CA VAL A 131 13.61 8.48 0.53
C VAL A 131 12.28 9.20 0.79
N TYR A 132 11.19 8.65 0.27
CA TYR A 132 9.86 9.22 0.44
C TYR A 132 9.19 8.67 1.70
N ASN A 133 9.31 9.43 2.80
CA ASN A 133 8.74 9.06 4.10
C ASN A 133 7.34 9.64 4.25
N ILE A 134 6.33 8.80 4.03
CA ILE A 134 4.94 9.25 4.12
C ILE A 134 4.11 8.22 4.87
N PRO A 135 4.15 8.24 6.22
CA PRO A 135 3.43 7.35 7.13
C PRO A 135 1.93 7.22 6.89
N GLY A 136 1.30 8.34 6.54
CA GLY A 136 -0.14 8.38 6.31
C GLY A 136 -0.66 7.52 5.16
N ARG A 137 0.20 7.13 4.23
CA ARG A 137 -0.25 6.30 3.12
C ARG A 137 0.37 4.91 3.22
N SER A 138 1.63 4.86 3.67
CA SER A 138 2.37 3.60 3.79
C SER A 138 2.00 2.80 5.03
N ALA A 139 1.44 3.47 6.04
CA ALA A 139 1.05 2.81 7.28
C ALA A 139 2.27 2.28 8.02
N ILE A 140 3.41 2.92 7.77
CA ILE A 140 4.67 2.55 8.41
C ILE A 140 5.53 3.81 8.53
N GLU A 141 6.43 3.82 9.49
CA GLU A 141 7.30 4.96 9.69
C GLU A 141 8.77 4.66 9.52
N ILE A 142 9.57 5.70 9.29
CA ILE A 142 11.02 5.56 9.15
C ILE A 142 11.60 6.44 10.24
N HIS A 143 11.98 5.84 11.35
CA HIS A 143 12.54 6.58 12.46
C HIS A 143 13.77 7.34 12.00
N VAL A 144 14.08 8.42 12.70
CA VAL A 144 15.23 9.25 12.35
C VAL A 144 16.54 8.45 12.33
N GLU A 145 16.74 7.59 13.32
CA GLU A 145 17.97 6.80 13.38
C GLU A 145 18.06 5.91 12.15
N THR A 146 16.95 5.28 11.80
CA THR A 146 16.91 4.40 10.63
C THR A 146 17.29 5.19 9.41
N LEU A 147 16.71 6.38 9.28
CA LEU A 147 16.96 7.24 8.15
C LEU A 147 18.41 7.69 8.12
N ALA A 148 18.97 8.00 9.29
CA ALA A 148 20.36 8.42 9.39
C ALA A 148 21.28 7.25 9.02
N ARG A 149 20.93 6.07 9.48
CA ARG A 149 21.72 4.88 9.21
C ARG A 149 21.73 4.56 7.72
N ILE A 150 20.60 4.77 7.05
CA ILE A 150 20.49 4.53 5.61
C ILE A 150 21.37 5.52 4.85
N PHE A 151 21.33 6.77 5.28
CA PHE A 151 22.11 7.83 4.66
C PHE A 151 23.60 7.51 4.78
N GLU A 152 24.00 7.03 5.95
CA GLU A 152 25.38 6.66 6.28
C GLU A 152 25.91 5.48 5.48
N ASP A 153 25.14 4.39 5.42
CA ASP A 153 25.56 3.18 4.73
C ASP A 153 25.20 3.08 3.23
N CYS A 154 24.41 4.02 2.72
CA CYS A 154 24.03 3.99 1.32
C CYS A 154 24.55 5.24 0.59
N PRO A 155 25.69 5.11 -0.12
CA PRO A 155 26.28 6.24 -0.84
C PRO A 155 25.39 6.98 -1.84
N ASN A 156 24.41 6.29 -2.41
CA ASN A 156 23.50 6.93 -3.36
C ASN A 156 22.30 7.61 -2.70
N VAL A 157 22.04 7.30 -1.43
CA VAL A 157 20.92 7.93 -0.73
C VAL A 157 21.38 9.34 -0.37
N LYS A 158 20.72 10.34 -0.95
CA LYS A 158 21.12 11.71 -0.73
C LYS A 158 20.17 12.59 0.10
N GLY A 159 18.93 12.14 0.28
CA GLY A 159 18.00 12.95 1.05
C GLY A 159 16.64 12.33 1.29
N VAL A 160 15.70 13.17 1.69
CA VAL A 160 14.36 12.73 2.00
C VAL A 160 13.26 13.61 1.40
N ASP A 162 10.03 14.52 2.92
CA ASP A 162 9.30 14.40 4.17
C ASP A 162 7.84 14.73 4.01
N ALA A 163 6.98 13.76 4.34
CA ALA A 163 5.53 13.95 4.27
C ALA A 163 4.90 13.48 5.59
N THR A 164 5.61 13.68 6.69
CA THR A 164 5.12 13.29 8.02
C THR A 164 4.21 14.35 8.65
N GLY A 165 4.42 15.62 8.33
CA GLY A 165 3.61 16.68 8.90
C GLY A 165 4.11 17.04 10.30
N ASN A 166 5.27 16.48 10.63
CA ASN A 166 5.94 16.64 11.90
C ASN A 166 7.14 17.55 11.61
N LEU A 167 7.01 18.85 11.90
CA LEU A 167 8.09 19.79 11.62
C LEU A 167 9.40 19.66 12.43
N LEU A 168 9.41 18.74 13.39
CA LEU A 168 10.61 18.51 14.20
C LEU A 168 11.60 17.72 13.34
N ARG A 169 11.04 16.97 12.39
CA ARG A 169 11.80 16.09 11.50
C ARG A 169 13.00 16.73 10.79
N PRO A 170 12.80 17.83 10.05
CA PRO A 170 13.95 18.43 9.37
C PRO A 170 15.05 18.88 10.36
N SER A 171 14.63 19.33 11.54
CA SER A 171 15.57 19.76 12.57
C SER A 171 16.32 18.55 13.13
N LEU A 172 15.56 17.48 13.44
CA LEU A 172 16.13 16.26 13.99
C LEU A 172 17.02 15.56 12.98
N GLU A 173 16.67 15.69 11.70
CA GLU A 173 17.43 15.10 10.63
C GLU A 173 18.69 15.92 10.38
N ARG A 174 18.61 17.24 10.59
CA ARG A 174 19.79 18.09 10.41
C ARG A 174 20.83 17.67 11.47
N MET A 175 20.35 17.25 12.63
CA MET A 175 21.24 16.79 13.70
C MET A 175 21.79 15.40 13.38
N ALA A 176 20.90 14.42 13.23
CA ALA A 176 21.29 13.03 12.93
C ALA A 176 22.03 12.88 11.60
N CYS A 177 21.50 13.52 10.56
CA CYS A 177 22.13 13.51 9.23
C CYS A 177 22.65 14.95 9.11
N GLY A 178 23.89 15.13 8.70
CA GLY A 178 24.40 16.50 8.61
C GLY A 178 23.57 17.47 7.79
N GLU A 179 24.12 18.64 7.51
CA GLU A 179 23.44 19.64 6.72
C GLU A 179 23.57 19.30 5.23
N ASP A 180 24.38 18.29 4.94
CA ASP A 180 24.59 17.82 3.56
C ASP A 180 23.42 16.90 3.16
N PHE A 181 22.51 16.67 4.10
CA PHE A 181 21.34 15.82 3.86
C PHE A 181 20.34 16.68 3.10
N ASN A 182 19.87 16.21 1.96
CA ASN A 182 18.92 16.94 1.11
C ASN A 182 17.49 16.83 1.66
N LEU A 183 16.98 17.93 2.20
CA LEU A 183 15.64 17.97 2.78
C LEU A 183 14.57 18.57 1.85
N LEU A 184 13.62 17.74 1.46
CA LEU A 184 12.53 18.16 0.58
C LEU A 184 11.19 17.84 1.28
N THR A 185 10.18 18.68 1.08
CA THR A 185 8.87 18.44 1.70
C THR A 185 7.92 17.77 0.71
N GLY A 186 7.03 16.95 1.23
CA GLY A 186 6.05 16.30 0.41
C GLY A 186 4.72 17.04 0.51
N GLU A 187 4.62 18.02 1.41
CA GLU A 187 3.39 18.77 1.53
C GLU A 187 3.51 20.28 1.32
N ASP A 188 2.76 20.74 0.32
CA ASP A 188 2.72 22.13 -0.10
C ASP A 188 2.31 23.14 0.96
N GLY A 189 1.22 22.84 1.66
CA GLY A 189 0.71 23.75 2.68
C GLY A 189 1.61 24.01 3.88
N THR A 190 2.70 23.27 4.03
CA THR A 190 3.59 23.47 5.16
C THR A 190 5.06 23.62 4.70
N ALA A 191 5.23 23.82 3.39
CA ALA A 191 6.55 24.01 2.80
C ALA A 191 7.22 25.23 3.43
N LEU A 192 6.43 26.28 3.63
CA LEU A 192 6.90 27.54 4.23
C LEU A 192 7.61 27.30 5.58
N GLY A 193 7.00 26.51 6.45
CA GLY A 193 7.62 26.23 7.73
C GLY A 193 8.80 25.27 7.57
N TYR A 194 8.72 24.38 6.58
CA TYR A 194 9.78 23.40 6.29
C TYR A 194 11.07 24.11 5.88
N MET A 195 10.94 25.09 4.98
CA MET A 195 12.09 25.86 4.50
C MET A 195 12.72 26.65 5.65
N ALA A 196 11.88 27.16 6.55
CA ALA A 196 12.38 27.92 7.68
C ALA A 196 13.20 27.02 8.61
N HIS A 197 12.89 25.72 8.62
CA HIS A 197 13.61 24.74 9.45
C HIS A 197 14.84 24.19 8.69
N GLY A 198 15.13 24.77 7.53
CA GLY A 198 16.28 24.33 6.77
C GLY A 198 16.02 23.45 5.55
N GLY A 199 14.75 23.33 5.13
CA GLY A 199 14.44 22.52 3.97
C GLY A 199 15.10 23.09 2.73
N HIS A 200 15.29 22.26 1.70
CA HIS A 200 15.93 22.71 0.46
C HIS A 200 14.93 22.88 -0.67
N GLY A 201 13.73 22.35 -0.49
CA GLY A 201 12.73 22.46 -1.52
C GLY A 201 11.49 21.67 -1.22
N CYS A 202 10.66 21.49 -2.24
CA CYS A 202 9.42 20.75 -2.08
C CYS A 202 9.03 19.99 -3.34
N ILE A 203 8.75 18.70 -3.20
CA ILE A 203 8.30 17.92 -4.34
C ILE A 203 6.79 18.17 -4.30
N SER A 204 6.38 19.16 -5.10
CA SER A 204 5.02 19.70 -5.17
C SER A 204 3.88 19.13 -6.01
N VAL A 205 2.67 19.26 -5.44
CA VAL A 205 1.43 18.86 -6.10
C VAL A 205 0.84 20.15 -6.69
N THR A 206 0.88 21.23 -5.92
CA THR A 206 0.36 22.53 -6.33
C THR A 206 1.11 23.10 -7.54
N ALA A 207 2.40 22.76 -7.66
CA ALA A 207 3.21 23.24 -8.77
C ALA A 207 2.66 22.76 -10.12
N ASN A 208 1.80 21.74 -10.10
CA ASN A 208 1.19 21.24 -11.34
C ASN A 208 0.27 22.31 -11.94
N VAL A 209 -0.51 22.97 -11.09
CA VAL A 209 -1.45 23.98 -11.57
C VAL A 209 -0.93 25.41 -11.55
N ALA A 210 -0.01 25.70 -10.62
CA ALA A 210 0.55 27.04 -10.52
C ALA A 210 2.07 26.98 -10.52
N PRO A 211 2.67 26.35 -11.55
CA PRO A 211 4.14 26.25 -11.60
C PRO A 211 4.91 27.56 -11.36
N ALA A 212 4.43 28.65 -11.96
CA ALA A 212 5.09 29.95 -11.84
C ALA A 212 5.09 30.52 -10.42
N LEU A 213 3.93 30.51 -9.76
CA LEU A 213 3.81 31.01 -8.39
C LEU A 213 4.58 30.16 -7.39
N CYS A 214 4.54 28.84 -7.56
CA CYS A 214 5.24 27.95 -6.65
C CYS A 214 6.75 28.13 -6.77
N ALA A 215 7.25 28.24 -8.00
CA ALA A 215 8.67 28.42 -8.23
C ALA A 215 9.14 29.72 -7.54
N ASP A 216 8.32 30.77 -7.63
CA ASP A 216 8.66 32.03 -7.01
C ASP A 216 8.66 31.87 -5.48
N PHE A 217 7.66 31.16 -4.98
CA PHE A 217 7.58 30.93 -3.54
C PHE A 217 8.88 30.29 -3.06
N GLN A 218 9.28 29.22 -3.73
CA GLN A 218 10.51 28.51 -3.38
C GLN A 218 11.75 29.39 -3.48
N GLN A 219 11.81 30.22 -4.51
CA GLN A 219 12.95 31.10 -4.71
C GLN A 219 13.03 32.09 -3.56
N ALA A 220 11.88 32.59 -3.10
CA ALA A 220 11.83 33.53 -1.98
C ALA A 220 12.44 32.81 -0.77
N CYS A 221 11.90 31.63 -0.47
CA CYS A 221 12.37 30.81 0.65
C CYS A 221 13.87 30.61 0.54
N LEU A 222 14.33 30.18 -0.63
CA LEU A 222 15.74 29.96 -0.87
C LEU A 222 16.60 31.21 -0.62
N ASN A 223 16.08 32.39 -0.98
CA ASN A 223 16.80 33.63 -0.79
C ASN A 223 16.64 34.14 0.65
N GLY A 224 15.97 33.35 1.49
CA GLY A 224 15.77 33.75 2.88
C GLY A 224 14.79 34.89 3.03
N ASP A 225 14.10 35.22 1.94
CA ASP A 225 13.12 36.29 1.95
C ASP A 225 11.78 35.69 2.37
N PHE A 226 11.64 35.36 3.65
CA PHE A 226 10.42 34.74 4.16
C PHE A 226 9.22 35.68 4.22
N ALA A 227 9.48 36.98 4.10
CA ALA A 227 8.41 37.97 4.11
C ALA A 227 7.61 37.80 2.81
N ALA A 228 8.35 37.67 1.70
CA ALA A 228 7.78 37.48 0.39
C ALA A 228 7.12 36.10 0.29
N ALA A 229 7.75 35.10 0.91
CA ALA A 229 7.22 33.73 0.89
C ALA A 229 5.85 33.72 1.59
N LEU A 230 5.73 34.45 2.69
CA LEU A 230 4.47 34.50 3.43
C LEU A 230 3.40 35.15 2.55
N LYS A 231 3.76 36.25 1.90
CA LYS A 231 2.84 36.95 1.02
C LYS A 231 2.35 35.98 -0.05
N LEU A 232 3.24 35.10 -0.52
CA LEU A 232 2.87 34.13 -1.54
C LEU A 232 1.97 33.04 -0.96
N GLN A 233 2.16 32.71 0.32
CA GLN A 233 1.35 31.73 1.02
C GLN A 233 -0.09 32.21 1.01
N ASP A 234 -0.25 33.49 1.34
CA ASP A 234 -1.57 34.13 1.38
C ASP A 234 -2.27 33.93 0.06
N ARG A 235 -1.50 34.03 -1.01
CA ARG A 235 -2.01 33.87 -2.36
C ARG A 235 -2.24 32.41 -2.78
N LEU A 236 -1.40 31.49 -2.28
CA LEU A 236 -1.51 30.08 -2.61
C LEU A 236 -2.28 29.17 -1.63
N MET A 237 -2.39 29.55 -0.36
CA MET A 237 -3.10 28.69 0.61
C MET A 237 -4.49 28.18 0.19
N PRO A 238 -5.34 29.06 -0.35
CA PRO A 238 -6.68 28.61 -0.77
C PRO A 238 -6.55 27.44 -1.75
N LEU A 239 -5.57 27.53 -2.65
CA LEU A 239 -5.34 26.48 -3.64
C LEU A 239 -4.70 25.25 -2.99
N HIS A 240 -3.71 25.47 -2.11
CA HIS A 240 -3.07 24.36 -1.41
C HIS A 240 -4.15 23.57 -0.69
N ARG A 241 -5.09 24.30 -0.08
CA ARG A 241 -6.19 23.71 0.66
C ARG A 241 -7.22 23.00 -0.23
N ALA A 242 -7.67 23.67 -1.30
CA ALA A 242 -8.65 23.10 -2.21
C ALA A 242 -8.14 21.89 -2.99
N LEU A 243 -6.86 21.87 -3.31
CA LEU A 243 -6.29 20.76 -4.07
C LEU A 243 -6.26 19.45 -3.29
N PHE A 244 -6.54 19.54 -1.99
CA PHE A 244 -6.53 18.36 -1.15
C PHE A 244 -7.87 18.09 -0.46
N LEU A 245 -8.94 18.72 -0.96
CA LEU A 245 -10.29 18.54 -0.41
C LEU A 245 -10.71 17.08 -0.42
N GLU A 246 -10.20 16.34 -1.38
CA GLU A 246 -10.47 14.92 -1.45
C GLU A 246 -9.10 14.34 -1.77
N THR A 247 -8.99 13.03 -1.92
CA THR A 247 -7.68 12.43 -2.18
C THR A 247 -6.96 12.87 -3.45
N ASN A 248 -5.75 13.40 -3.27
CA ASN A 248 -4.90 13.83 -4.37
C ASN A 248 -4.51 12.58 -5.17
N PRO A 249 -4.35 12.69 -6.50
CA PRO A 249 -4.46 13.83 -7.42
C PRO A 249 -5.83 14.16 -8.04
N ALA A 250 -6.92 13.87 -7.35
CA ALA A 250 -8.23 14.17 -7.91
C ALA A 250 -8.43 15.68 -8.10
N GLY A 251 -7.95 16.46 -7.13
CA GLY A 251 -8.06 17.91 -7.20
C GLY A 251 -7.19 18.58 -8.26
N ALA A 252 -5.94 18.16 -8.38
CA ALA A 252 -5.01 18.73 -9.36
C ALA A 252 -5.46 18.45 -10.79
N LYS A 253 -5.98 17.24 -11.04
CA LYS A 253 -6.44 16.87 -12.36
C LYS A 253 -7.69 17.66 -12.74
N TYR A 254 -8.53 17.96 -11.76
CA TYR A 254 -9.72 18.74 -12.05
C TYR A 254 -9.27 20.13 -12.46
N ALA A 255 -8.29 20.67 -11.74
CA ALA A 255 -7.76 22.01 -11.98
C ALA A 255 -7.09 22.15 -13.37
N LEU A 256 -6.23 21.19 -13.70
CA LEU A 256 -5.55 21.20 -14.98
C LEU A 256 -6.54 20.97 -16.12
N GLN A 257 -7.64 20.27 -15.83
CA GLN A 257 -8.68 20.05 -16.83
C GLN A 257 -9.46 21.36 -17.03
N ARG A 258 -9.74 22.05 -15.92
CA ARG A 258 -10.45 23.34 -15.96
C ARG A 258 -9.61 24.38 -16.70
N LEU A 259 -8.28 24.23 -16.61
CA LEU A 259 -7.33 25.12 -17.28
C LEU A 259 -7.10 24.68 -18.74
N GLY A 260 -7.69 23.55 -19.09
CA GLY A 260 -7.58 23.04 -20.45
C GLY A 260 -6.25 22.43 -20.83
N ARG A 261 -5.51 21.92 -19.85
CA ARG A 261 -4.20 21.32 -20.15
C ARG A 261 -4.20 19.80 -20.26
N MET A 262 -5.37 19.21 -20.03
CA MET A 262 -5.54 17.75 -20.12
C MET A 262 -6.99 17.42 -19.78
N ARG A 263 -7.31 16.12 -19.88
CA ARG A 263 -8.64 15.63 -19.54
C ARG A 263 -8.58 15.32 -18.04
N GLY A 264 -9.71 15.39 -17.36
CA GLY A 264 -9.71 15.13 -15.93
C GLY A 264 -9.70 13.63 -15.58
N ASP A 265 -9.57 12.78 -16.60
CA ASP A 265 -9.57 11.33 -16.41
C ASP A 265 -8.68 10.82 -15.27
N LEU A 266 -9.29 10.03 -14.39
CA LEU A 266 -8.61 9.42 -13.25
C LEU A 266 -8.90 7.92 -13.35
N ARG A 267 -8.01 7.08 -12.83
CA ARG A 267 -8.26 5.63 -12.88
C ARG A 267 -8.75 5.08 -11.56
N LEU A 268 -9.70 4.16 -11.61
CA LEU A 268 -10.22 3.56 -10.38
C LEU A 268 -9.03 2.91 -9.64
N PRO A 269 -9.12 2.82 -8.30
CA PRO A 269 -10.17 3.24 -7.37
C PRO A 269 -10.42 4.74 -7.17
N LEU A 270 -9.61 5.59 -7.80
CA LEU A 270 -9.79 7.04 -7.66
C LEU A 270 -10.92 7.57 -8.54
N VAL A 271 -11.71 8.49 -8.01
CA VAL A 271 -12.81 9.08 -8.75
C VAL A 271 -12.71 10.61 -8.77
N THR A 272 -13.37 11.21 -9.75
CA THR A 272 -13.39 12.66 -9.90
C THR A 272 -13.85 13.33 -8.60
N ILE A 273 -13.20 14.44 -8.26
CA ILE A 273 -13.50 15.20 -7.04
C ILE A 273 -14.93 15.72 -7.04
N SER A 274 -15.55 15.78 -5.85
CA SER A 274 -16.92 16.25 -5.73
C SER A 274 -17.15 17.66 -6.28
N PRO A 275 -18.31 17.88 -6.92
CA PRO A 275 -18.66 19.17 -7.51
C PRO A 275 -18.53 20.43 -6.65
N SER A 276 -18.91 20.36 -5.38
CA SER A 276 -18.77 21.54 -4.54
C SER A 276 -17.30 21.86 -4.31
N PHE A 277 -16.45 20.84 -4.44
CA PHE A 277 -15.01 20.98 -4.26
C PHE A 277 -14.37 21.54 -5.53
N GLN A 278 -14.99 21.25 -6.67
CA GLN A 278 -14.53 21.76 -7.96
C GLN A 278 -14.67 23.27 -7.90
N GLU A 279 -15.77 23.75 -7.32
CA GLU A 279 -16.01 25.18 -7.19
C GLU A 279 -14.97 25.83 -6.29
N GLU A 280 -14.65 25.18 -5.17
CA GLU A 280 -13.67 25.72 -4.25
C GLU A 280 -12.31 25.82 -4.95
N ILE A 281 -12.01 24.86 -5.83
CA ILE A 281 -10.75 24.87 -6.56
C ILE A 281 -10.76 26.04 -7.56
N ASP A 282 -11.91 26.27 -8.18
CA ASP A 282 -12.09 27.36 -9.15
C ASP A 282 -11.83 28.70 -8.46
N ASP A 283 -12.43 28.87 -7.28
CA ASP A 283 -12.28 30.09 -6.52
C ASP A 283 -10.85 30.27 -6.02
N ALA A 284 -10.18 29.17 -5.69
CA ALA A 284 -8.81 29.23 -5.22
C ALA A 284 -7.88 29.68 -6.36
N MET A 285 -8.14 29.19 -7.57
CA MET A 285 -7.32 29.55 -8.73
C MET A 285 -7.57 31.01 -9.09
N ARG A 286 -8.80 31.46 -8.91
CA ARG A 286 -9.14 32.85 -9.20
C ARG A 286 -8.44 33.73 -8.18
N HIS A 287 -8.40 33.26 -6.94
CA HIS A 287 -7.78 34.00 -5.87
C HIS A 287 -6.27 34.09 -6.10
N ALA A 288 -5.69 33.02 -6.63
CA ALA A 288 -4.25 32.94 -6.92
C ALA A 288 -3.95 33.62 -8.25
N GLY A 289 -4.99 34.16 -8.88
CA GLY A 289 -4.83 34.85 -10.14
C GLY A 289 -4.49 33.93 -11.30
N ILE A 290 -4.69 32.63 -11.11
CA ILE A 290 -4.42 31.60 -12.11
C ILE A 290 -5.58 31.57 -13.10
N LEU A 291 -6.75 31.99 -12.63
CA LEU A 291 -7.96 32.02 -13.44
C LEU A 291 -8.58 33.41 -13.39
N LEU A 292 -9.17 33.83 -14.51
CA LEU A 292 -9.81 35.14 -14.59
C LEU A 292 -11.29 35.01 -14.25
N MET B 1 -22.48 -20.19 2.96
CA MET B 1 -21.41 -19.25 3.41
C MET B 1 -20.13 -19.99 3.83
N PHE B 2 -19.03 -19.23 3.92
CA PHE B 2 -17.74 -19.78 4.33
C PHE B 2 -17.74 -19.70 5.85
N GLU B 3 -17.06 -20.62 6.52
CA GLU B 3 -17.01 -20.58 7.97
C GLU B 3 -15.82 -21.30 8.56
N GLY B 4 -15.69 -21.18 9.88
CA GLY B 4 -14.61 -21.83 10.58
C GLY B 4 -13.22 -21.31 10.31
N SER B 5 -12.23 -22.14 10.60
CA SER B 5 -10.83 -21.81 10.44
C SER B 5 -10.34 -21.89 8.99
N ILE B 6 -10.29 -20.73 8.34
CA ILE B 6 -9.85 -20.64 6.94
C ILE B 6 -8.43 -20.10 6.95
N THR B 7 -7.47 -20.95 6.59
CA THR B 7 -6.05 -20.58 6.63
C THR B 7 -5.53 -19.65 5.54
N ALA B 8 -4.90 -18.56 5.98
CA ALA B 8 -4.29 -17.60 5.09
C ALA B 8 -2.86 -18.16 4.94
N LEU B 9 -2.68 -18.97 3.91
CA LEU B 9 -1.41 -19.67 3.64
C LEU B 9 -0.12 -18.85 3.49
N VAL B 10 0.91 -19.23 4.24
CA VAL B 10 2.21 -18.56 4.10
C VAL B 10 2.73 -19.15 2.80
N THR B 11 3.55 -18.40 2.07
CA THR B 11 4.07 -18.92 0.82
C THR B 11 5.51 -19.35 1.02
N PRO B 12 5.79 -20.67 0.99
CA PRO B 12 7.18 -21.08 1.18
C PRO B 12 8.06 -20.77 -0.03
N PHE B 13 9.23 -20.20 0.23
CA PHE B 13 10.17 -19.87 -0.82
C PHE B 13 11.38 -20.76 -0.61
N ALA B 14 12.11 -21.01 -1.68
CA ALA B 14 13.32 -21.82 -1.63
C ALA B 14 14.12 -21.47 -2.87
N ASP B 15 15.35 -20.99 -2.68
CA ASP B 15 16.20 -20.62 -3.80
C ASP B 15 15.56 -19.49 -4.62
N ASP B 16 14.95 -18.54 -3.92
CA ASP B 16 14.29 -17.38 -4.53
C ASP B 16 13.11 -17.74 -5.39
N ARG B 17 12.69 -19.00 -5.31
CA ARG B 17 11.56 -19.48 -6.09
C ARG B 17 10.46 -19.97 -5.16
N ILE B 18 9.29 -20.20 -5.73
CA ILE B 18 8.18 -20.72 -4.94
C ILE B 18 8.54 -22.18 -4.64
N ASP B 19 8.45 -22.58 -3.39
CA ASP B 19 8.77 -23.95 -3.00
C ASP B 19 7.56 -24.83 -3.24
N GLU B 20 7.39 -25.30 -4.47
CA GLU B 20 6.26 -26.13 -4.86
C GLU B 20 5.95 -27.30 -3.93
N VAL B 21 6.96 -28.07 -3.58
CA VAL B 21 6.77 -29.21 -2.69
C VAL B 21 6.33 -28.80 -1.28
N ALA B 22 7.00 -27.80 -0.70
CA ALA B 22 6.64 -27.35 0.65
C ALA B 22 5.20 -26.82 0.68
N LEU B 23 4.79 -26.16 -0.40
CA LEU B 23 3.43 -25.62 -0.49
C LEU B 23 2.39 -26.72 -0.64
N HIS B 24 2.69 -27.74 -1.45
CA HIS B 24 1.76 -28.84 -1.63
C HIS B 24 1.58 -29.53 -0.29
N ASP B 25 2.70 -29.81 0.38
CA ASP B 25 2.68 -30.47 1.68
C ASP B 25 1.95 -29.62 2.72
N LEU B 26 2.14 -28.31 2.66
CA LEU B 26 1.49 -27.40 3.59
C LEU B 26 -0.03 -27.51 3.42
N VAL B 27 -0.48 -27.48 2.16
CA VAL B 27 -1.91 -27.56 1.86
C VAL B 27 -2.53 -28.90 2.26
N GLU B 28 -1.82 -30.00 1.98
CA GLU B 28 -2.32 -31.33 2.32
C GLU B 28 -2.46 -31.46 3.83
N TRP B 29 -1.38 -31.19 4.56
CA TRP B 29 -1.35 -31.24 6.03
C TRP B 29 -2.42 -30.35 6.61
N GLN B 30 -2.60 -29.20 5.96
CA GLN B 30 -3.58 -28.22 6.39
C GLN B 30 -4.98 -28.83 6.32
N ILE B 31 -5.23 -29.59 5.26
CA ILE B 31 -6.52 -30.23 5.08
C ILE B 31 -6.72 -31.42 6.01
N GLU B 32 -5.73 -32.29 6.13
CA GLU B 32 -5.87 -33.44 7.00
C GLU B 32 -5.91 -33.05 8.46
N GLU B 33 -5.47 -31.83 8.76
CA GLU B 33 -5.44 -31.33 10.12
C GLU B 33 -6.80 -30.74 10.54
N GLY B 34 -7.66 -30.44 9.57
CA GLY B 34 -8.96 -29.91 9.90
C GLY B 34 -9.40 -28.55 9.36
N SER B 35 -8.52 -27.86 8.63
CA SER B 35 -8.87 -26.55 8.09
C SER B 35 -10.14 -26.58 7.26
N PHE B 36 -11.00 -25.58 7.46
CA PHE B 36 -12.27 -25.50 6.74
C PHE B 36 -12.06 -24.83 5.38
N GLY B 37 -10.91 -24.20 5.20
CA GLY B 37 -10.62 -23.54 3.94
C GLY B 37 -9.23 -22.95 3.83
N LEU B 38 -8.85 -22.58 2.61
CA LEU B 38 -7.54 -22.00 2.31
C LEU B 38 -7.62 -20.70 1.52
N VAL B 39 -6.74 -19.78 1.86
CA VAL B 39 -6.63 -18.49 1.18
C VAL B 39 -5.19 -18.35 0.71
N PRO B 40 -4.92 -18.73 -0.55
CA PRO B 40 -3.57 -18.62 -1.10
C PRO B 40 -3.33 -17.20 -1.59
N CYS B 41 -2.12 -16.69 -1.36
CA CYS B 41 -1.75 -15.35 -1.81
C CYS B 41 -2.43 -14.18 -1.12
N GLY B 42 -2.57 -14.30 0.20
CA GLY B 42 -3.15 -13.23 0.99
C GLY B 42 -1.96 -12.44 1.51
N THR B 43 -2.18 -11.52 2.44
CA THR B 43 -1.07 -10.76 3.00
C THR B 43 -0.06 -11.69 3.69
N THR B 44 -0.59 -12.70 4.38
CA THR B 44 0.23 -13.69 5.09
C THR B 44 1.05 -14.54 4.12
N GLY B 45 0.55 -14.65 2.88
CA GLY B 45 1.24 -15.40 1.84
C GLY B 45 2.19 -14.52 1.04
N GLU B 46 2.48 -13.35 1.61
CA GLU B 46 3.38 -12.35 1.02
C GLU B 46 3.03 -11.95 -0.41
N SER B 47 1.75 -11.71 -0.68
CA SER B 47 1.32 -11.33 -2.02
C SER B 47 2.08 -10.13 -2.58
N PRO B 48 2.45 -9.14 -1.72
CA PRO B 48 3.18 -7.98 -2.24
C PRO B 48 4.55 -8.25 -2.89
N THR B 49 5.23 -9.31 -2.48
CA THR B 49 6.54 -9.66 -3.03
C THR B 49 6.48 -10.83 -4.02
N LEU B 50 5.29 -11.21 -4.45
CA LEU B 50 5.13 -12.30 -5.39
C LEU B 50 5.02 -11.70 -6.79
N SER B 51 5.54 -12.40 -7.79
CA SER B 51 5.42 -11.90 -9.16
C SER B 51 4.06 -12.37 -9.69
N LYS B 52 3.61 -11.76 -10.79
CA LYS B 52 2.33 -12.14 -11.39
C LYS B 52 2.29 -13.65 -11.62
N SER B 53 3.34 -14.21 -12.19
CA SER B 53 3.36 -15.65 -12.44
C SER B 53 3.42 -16.50 -11.18
N GLU B 54 4.15 -16.04 -10.16
CA GLU B 54 4.25 -16.80 -8.90
C GLU B 54 2.90 -16.83 -8.21
N HIS B 55 2.22 -15.69 -8.22
CA HIS B 55 0.90 -15.58 -7.61
C HIS B 55 0.00 -16.63 -8.25
N GLU B 56 0.07 -16.71 -9.58
CA GLU B 56 -0.72 -17.65 -10.36
C GLU B 56 -0.37 -19.10 -10.04
N GLN B 57 0.92 -19.37 -9.86
CA GLN B 57 1.40 -20.72 -9.55
C GLN B 57 0.88 -21.16 -8.19
N VAL B 58 0.95 -20.25 -7.22
CA VAL B 58 0.51 -20.52 -5.85
C VAL B 58 -0.99 -20.76 -5.79
N VAL B 59 -1.76 -19.97 -6.54
CA VAL B 59 -3.20 -20.14 -6.56
C VAL B 59 -3.53 -21.50 -7.18
N GLU B 60 -2.93 -21.78 -8.33
CA GLU B 60 -3.16 -23.04 -9.02
C GLU B 60 -2.68 -24.26 -8.23
N ILE B 61 -1.48 -24.18 -7.65
CA ILE B 61 -0.99 -25.30 -6.85
C ILE B 61 -2.00 -25.58 -5.74
N THR B 62 -2.42 -24.52 -5.06
CA THR B 62 -3.37 -24.62 -3.95
C THR B 62 -4.71 -25.20 -4.38
N ILE B 63 -5.19 -24.79 -5.54
CA ILE B 63 -6.46 -25.28 -6.07
C ILE B 63 -6.37 -26.77 -6.46
N LYS B 64 -5.28 -27.14 -7.11
CA LYS B 64 -5.10 -28.53 -7.55
C LYS B 64 -4.90 -29.47 -6.36
N THR B 65 -4.14 -29.02 -5.36
CA THR B 65 -3.89 -29.84 -4.17
C THR B 65 -5.16 -30.01 -3.34
N ALA B 66 -5.88 -28.91 -3.09
CA ALA B 66 -7.11 -28.97 -2.30
C ALA B 66 -8.09 -29.94 -2.96
N ASN B 67 -8.04 -29.95 -4.30
CA ASN B 67 -8.89 -30.83 -5.10
C ASN B 67 -10.37 -30.81 -4.70
N GLY B 68 -10.89 -29.63 -4.37
CA GLY B 68 -12.29 -29.48 -4.01
C GLY B 68 -12.69 -29.96 -2.62
N ARG B 69 -11.72 -30.40 -1.82
CA ARG B 69 -12.02 -30.89 -0.49
C ARG B 69 -12.47 -29.76 0.43
N VAL B 70 -11.92 -28.58 0.21
CA VAL B 70 -12.29 -27.41 0.99
C VAL B 70 -12.30 -26.20 0.05
N PRO B 71 -13.01 -25.12 0.44
CA PRO B 71 -13.09 -23.92 -0.39
C PRO B 71 -11.70 -23.30 -0.53
N VAL B 72 -11.44 -22.70 -1.69
CA VAL B 72 -10.17 -22.05 -1.89
C VAL B 72 -10.53 -20.64 -2.33
N ILE B 73 -10.20 -19.68 -1.46
CA ILE B 73 -10.47 -18.26 -1.69
C ILE B 73 -9.16 -17.54 -2.01
N ALA B 74 -8.91 -17.34 -3.30
CA ALA B 74 -7.69 -16.69 -3.77
C ALA B 74 -7.60 -15.20 -3.49
N GLY B 75 -6.47 -14.78 -2.91
CA GLY B 75 -6.26 -13.36 -2.68
C GLY B 75 -6.11 -12.76 -4.06
N ALA B 76 -6.95 -11.77 -4.39
CA ALA B 76 -6.87 -11.16 -5.72
C ALA B 76 -7.05 -9.65 -5.69
N GLY B 77 -6.57 -9.01 -4.62
CA GLY B 77 -6.72 -7.57 -4.53
C GLY B 77 -5.55 -6.75 -5.05
N SER B 78 -5.72 -5.44 -5.06
CA SER B 78 -4.68 -4.51 -5.52
C SER B 78 -5.22 -3.09 -5.31
N ASN B 79 -4.35 -2.08 -5.34
CA ASN B 79 -4.83 -0.70 -5.18
C ASN B 79 -5.12 -0.14 -6.57
N SER B 80 -5.16 -1.06 -7.54
CA SER B 80 -5.47 -0.76 -8.94
C SER B 80 -6.66 -1.64 -9.27
N THR B 81 -7.75 -1.02 -9.67
CA THR B 81 -8.96 -1.75 -10.00
C THR B 81 -8.78 -2.71 -11.18
N ALA B 82 -8.10 -2.24 -12.22
CA ALA B 82 -7.84 -3.04 -13.42
C ALA B 82 -7.04 -4.30 -13.11
N GLU B 83 -6.11 -4.20 -12.18
CA GLU B 83 -5.30 -5.36 -11.82
C GLU B 83 -6.07 -6.34 -10.93
N ALA B 84 -6.92 -5.82 -10.05
CA ALA B 84 -7.70 -6.70 -9.18
C ALA B 84 -8.53 -7.61 -10.10
N ILE B 85 -9.07 -7.01 -11.17
CA ILE B 85 -9.89 -7.72 -12.13
C ILE B 85 -9.09 -8.80 -12.85
N ALA B 86 -7.85 -8.50 -13.23
CA ALA B 86 -7.02 -9.50 -13.91
C ALA B 86 -6.81 -10.71 -12.98
N PHE B 87 -6.55 -10.42 -11.69
CA PHE B 87 -6.33 -11.44 -10.67
C PHE B 87 -7.59 -12.25 -10.39
N VAL B 88 -8.74 -11.59 -10.41
CA VAL B 88 -10.01 -12.25 -10.16
C VAL B 88 -10.38 -13.14 -11.34
N ARG B 89 -10.06 -12.69 -12.55
CA ARG B 89 -10.37 -13.47 -13.74
C ARG B 89 -9.54 -14.74 -13.76
N HIS B 90 -8.30 -14.65 -13.31
CA HIS B 90 -7.44 -15.83 -13.26
C HIS B 90 -7.94 -16.78 -12.17
N ALA B 91 -8.25 -16.26 -11.00
CA ALA B 91 -8.72 -17.07 -9.90
C ALA B 91 -9.93 -17.92 -10.29
N GLN B 92 -10.96 -17.30 -10.82
CA GLN B 92 -12.17 -18.04 -11.21
C GLN B 92 -11.95 -19.03 -12.36
N ASN B 93 -11.08 -18.67 -13.29
CA ASN B 93 -10.77 -19.54 -14.43
C ASN B 93 -9.90 -20.70 -13.98
N ALA B 94 -9.28 -20.55 -12.82
CA ALA B 94 -8.41 -21.57 -12.25
C ALA B 94 -9.21 -22.52 -11.36
N GLY B 95 -10.49 -22.19 -11.16
CA GLY B 95 -11.35 -23.03 -10.34
C GLY B 95 -11.48 -22.61 -8.88
N ALA B 96 -11.11 -21.37 -8.57
CA ALA B 96 -11.21 -20.86 -7.19
C ALA B 96 -12.66 -20.75 -6.73
N ASP B 97 -12.91 -20.99 -5.44
CA ASP B 97 -14.27 -20.91 -4.89
C ASP B 97 -14.66 -19.48 -4.51
N GLY B 98 -13.69 -18.57 -4.59
CA GLY B 98 -13.94 -17.18 -4.25
C GLY B 98 -12.65 -16.40 -4.25
N VAL B 99 -12.74 -15.09 -4.03
CA VAL B 99 -11.56 -14.23 -4.00
C VAL B 99 -11.63 -13.29 -2.80
N LEU B 100 -10.46 -12.87 -2.33
CA LEU B 100 -10.33 -11.95 -1.21
C LEU B 100 -9.75 -10.64 -1.75
N ILE B 101 -10.57 -9.60 -1.78
CA ILE B 101 -10.15 -8.30 -2.30
C ILE B 101 -9.99 -7.29 -1.17
N VAL B 102 -8.76 -6.85 -0.96
CA VAL B 102 -8.46 -5.88 0.07
C VAL B 102 -8.94 -4.50 -0.37
N SER B 103 -9.14 -3.60 0.58
CA SER B 103 -9.52 -2.23 0.28
C SER B 103 -8.27 -1.62 -0.37
N PRO B 104 -8.41 -0.80 -1.44
CA PRO B 104 -7.21 -0.21 -2.06
C PRO B 104 -6.28 0.43 -1.03
N TYR B 105 -5.02 0.03 -1.05
CA TYR B 105 -4.02 0.54 -0.11
C TYR B 105 -3.15 1.64 -0.71
N TYR B 106 -2.58 2.45 0.16
CA TYR B 106 -1.69 3.56 -0.21
C TYR B 106 -2.30 4.76 -0.93
N ASN B 107 -3.00 4.54 -2.04
CA ASN B 107 -3.60 5.65 -2.80
C ASN B 107 -4.87 6.28 -2.20
N LYS B 108 -5.32 5.73 -1.07
CA LYS B 108 -6.47 6.22 -0.32
C LYS B 108 -7.68 6.72 -1.08
N PRO B 109 -8.37 5.82 -1.80
CA PRO B 109 -9.56 6.29 -2.54
C PRO B 109 -10.67 6.77 -1.60
N THR B 110 -11.61 7.55 -2.14
CA THR B 110 -12.73 8.04 -1.33
C THR B 110 -13.71 6.86 -1.23
N GLN B 111 -14.74 6.99 -0.39
CA GLN B 111 -15.72 5.92 -0.26
C GLN B 111 -16.37 5.62 -1.61
N GLU B 112 -16.61 6.66 -2.41
CA GLU B 112 -17.23 6.46 -3.71
C GLU B 112 -16.23 5.71 -4.57
N GLY B 113 -14.95 5.99 -4.36
CA GLY B 113 -13.90 5.32 -5.11
C GLY B 113 -13.86 3.85 -4.77
N ILE B 114 -13.86 3.54 -3.48
CA ILE B 114 -13.86 2.17 -2.98
C ILE B 114 -15.11 1.44 -3.48
N TYR B 115 -16.23 2.15 -3.54
CA TYR B 115 -17.47 1.58 -4.01
C TYR B 115 -17.33 1.15 -5.47
N GLN B 116 -16.90 2.09 -6.33
CA GLN B 116 -16.71 1.83 -7.76
C GLN B 116 -15.66 0.75 -8.03
N HIS B 117 -14.69 0.65 -7.13
CA HIS B 117 -13.62 -0.34 -7.22
C HIS B 117 -14.27 -1.73 -7.19
N PHE B 118 -15.04 -1.99 -6.15
CA PHE B 118 -15.70 -3.27 -5.98
C PHE B 118 -16.83 -3.54 -6.97
N LYS B 119 -17.47 -2.47 -7.45
CA LYS B 119 -18.55 -2.63 -8.40
C LYS B 119 -17.98 -3.13 -9.73
N ALA B 120 -16.81 -2.61 -10.11
CA ALA B 120 -16.15 -3.01 -11.34
C ALA B 120 -15.60 -4.44 -11.24
N ILE B 121 -15.05 -4.77 -10.07
CA ILE B 121 -14.50 -6.10 -9.86
C ILE B 121 -15.64 -7.11 -9.81
N ASP B 122 -16.74 -6.71 -9.17
CA ASP B 122 -17.91 -7.58 -9.07
C ASP B 122 -18.41 -7.89 -10.48
N ALA B 123 -18.41 -6.89 -11.36
CA ALA B 123 -18.88 -7.06 -12.73
C ALA B 123 -18.08 -8.10 -13.52
N ALA B 124 -16.77 -8.11 -13.34
CA ALA B 124 -15.91 -9.04 -14.06
C ALA B 124 -15.79 -10.37 -13.33
N SER B 125 -16.49 -10.51 -12.22
CA SER B 125 -16.42 -11.73 -11.43
C SER B 125 -17.61 -12.67 -11.59
N THR B 126 -17.34 -13.96 -11.36
CA THR B 126 -18.35 -15.00 -11.45
C THR B 126 -18.29 -15.87 -10.17
N ILE B 127 -17.54 -15.40 -9.17
CA ILE B 127 -17.41 -16.12 -7.92
C ILE B 127 -17.58 -15.17 -6.73
N PRO B 128 -17.71 -15.72 -5.51
CA PRO B 128 -17.89 -14.93 -4.29
C PRO B 128 -16.71 -14.00 -3.98
N ILE B 129 -17.04 -12.77 -3.61
CA ILE B 129 -16.04 -11.79 -3.23
C ILE B 129 -16.17 -11.51 -1.74
N ILE B 130 -15.05 -11.53 -1.03
CA ILE B 130 -15.03 -11.22 0.40
C ILE B 130 -14.23 -9.93 0.49
N VAL B 131 -14.83 -8.89 1.07
CA VAL B 131 -14.16 -7.59 1.20
C VAL B 131 -13.21 -7.65 2.40
N TYR B 132 -11.93 -7.38 2.15
CA TYR B 132 -10.90 -7.40 3.19
C TYR B 132 -10.64 -5.99 3.74
N ASN B 133 -11.34 -5.64 4.81
CA ASN B 133 -11.22 -4.32 5.46
C ASN B 133 -10.15 -4.29 6.56
N ILE B 134 -9.00 -3.73 6.22
CA ILE B 134 -7.89 -3.65 7.16
C ILE B 134 -7.22 -2.28 7.08
N PRO B 135 -7.82 -1.27 7.75
CA PRO B 135 -7.34 0.12 7.78
C PRO B 135 -5.87 0.24 8.24
N GLY B 136 -5.45 -0.67 9.11
CA GLY B 136 -4.09 -0.65 9.62
C GLY B 136 -2.98 -0.80 8.59
N ARG B 137 -3.28 -1.44 7.47
CA ARG B 137 -2.29 -1.63 6.42
C ARG B 137 -2.60 -0.76 5.20
N SER B 138 -3.89 -0.68 4.84
CA SER B 138 -4.33 0.08 3.67
C SER B 138 -4.34 1.60 3.85
N ALA B 139 -4.38 2.07 5.09
CA ALA B 139 -4.40 3.51 5.38
C ALA B 139 -5.67 4.17 4.84
N ILE B 140 -6.76 3.40 4.82
CA ILE B 140 -8.05 3.87 4.37
C ILE B 140 -9.08 2.97 5.05
N GLU B 141 -10.32 3.45 5.15
CA GLU B 141 -11.38 2.67 5.77
C GLU B 141 -12.56 2.46 4.86
N ILE B 142 -13.32 1.41 5.16
CA ILE B 142 -14.52 1.13 4.38
C ILE B 142 -15.66 1.30 5.40
N HIS B 143 -16.41 2.38 5.26
CA HIS B 143 -17.51 2.66 6.18
C HIS B 143 -18.57 1.59 6.12
N VAL B 144 -19.29 1.39 7.22
CA VAL B 144 -20.34 0.37 7.25
C VAL B 144 -21.38 0.57 6.16
N GLU B 145 -21.78 1.82 5.94
CA GLU B 145 -22.77 2.17 4.92
C GLU B 145 -22.23 1.86 3.53
N THR B 146 -20.94 2.11 3.32
CA THR B 146 -20.28 1.84 2.04
C THR B 146 -20.25 0.34 1.81
N LEU B 147 -19.94 -0.40 2.87
CA LEU B 147 -19.87 -1.86 2.82
C LEU B 147 -21.25 -2.37 2.48
N ALA B 148 -22.25 -1.83 3.19
CA ALA B 148 -23.65 -2.20 2.97
C ALA B 148 -24.10 -1.91 1.55
N ARG B 149 -23.71 -0.77 1.00
CA ARG B 149 -24.06 -0.39 -0.36
C ARG B 149 -23.43 -1.36 -1.38
N ILE B 150 -22.20 -1.77 -1.11
CA ILE B 150 -21.47 -2.70 -1.97
C ILE B 150 -22.10 -4.09 -1.94
N PHE B 151 -22.53 -4.51 -0.75
CA PHE B 151 -23.16 -5.82 -0.56
C PHE B 151 -24.48 -5.87 -1.33
N GLU B 152 -25.26 -4.81 -1.18
CA GLU B 152 -26.56 -4.68 -1.82
C GLU B 152 -26.52 -4.55 -3.35
N ASP B 153 -25.54 -3.82 -3.88
CA ASP B 153 -25.46 -3.62 -5.32
C ASP B 153 -24.59 -4.61 -6.10
N CYS B 154 -23.81 -5.42 -5.41
CA CYS B 154 -22.93 -6.39 -6.08
C CYS B 154 -23.30 -7.81 -5.70
N PRO B 155 -24.07 -8.50 -6.56
CA PRO B 155 -24.48 -9.87 -6.30
C PRO B 155 -23.37 -10.84 -5.86
N ASN B 156 -22.16 -10.66 -6.38
CA ASN B 156 -21.05 -11.54 -6.02
C ASN B 156 -20.38 -11.26 -4.68
N VAL B 157 -20.53 -10.03 -4.17
CA VAL B 157 -19.96 -9.69 -2.88
C VAL B 157 -20.82 -10.33 -1.80
N LYS B 158 -20.25 -11.32 -1.11
CA LYS B 158 -20.98 -12.08 -0.09
C LYS B 158 -20.66 -11.77 1.38
N GLY B 159 -19.54 -11.13 1.63
CA GLY B 159 -19.18 -10.85 3.00
C GLY B 159 -17.91 -10.04 3.18
N VAL B 160 -17.29 -10.18 4.35
CA VAL B 160 -16.11 -9.41 4.69
C VAL B 160 -15.07 -10.17 5.52
N ASP B 162 -12.98 -8.96 8.30
CA ASP B 162 -12.81 -7.80 9.16
C ASP B 162 -11.52 -7.81 9.99
N ALA B 163 -10.69 -6.80 9.77
CA ALA B 163 -9.44 -6.65 10.49
C ALA B 163 -9.30 -5.22 11.05
N THR B 164 -10.43 -4.65 11.43
CA THR B 164 -10.47 -3.30 12.00
C THR B 164 -10.09 -3.29 13.49
N GLY B 165 -10.40 -4.37 14.20
CA GLY B 165 -10.10 -4.40 15.62
C GLY B 165 -11.21 -3.72 16.42
N ASN B 166 -12.28 -3.38 15.70
CA ASN B 166 -13.45 -2.73 16.26
C ASN B 166 -14.57 -3.76 16.27
N LEU B 167 -14.88 -4.31 17.45
CA LEU B 167 -15.91 -5.33 17.57
C LEU B 167 -17.35 -4.86 17.44
N LEU B 168 -17.54 -3.57 17.25
CA LEU B 168 -18.89 -3.05 17.05
C LEU B 168 -19.26 -3.40 15.61
N ARG B 169 -18.23 -3.58 14.80
CA ARG B 169 -18.37 -3.90 13.38
C ARG B 169 -19.24 -5.11 13.04
N PRO B 170 -18.96 -6.28 13.63
CA PRO B 170 -19.81 -7.42 13.27
C PRO B 170 -21.28 -7.15 13.62
N SER B 171 -21.51 -6.45 14.72
CA SER B 171 -22.88 -6.15 15.14
C SER B 171 -23.51 -5.09 14.23
N LEU B 172 -22.74 -4.06 13.87
CA LEU B 172 -23.25 -2.99 12.99
C LEU B 172 -23.48 -3.48 11.57
N GLU B 173 -22.70 -4.47 11.15
CA GLU B 173 -22.85 -5.03 9.82
C GLU B 173 -24.05 -5.99 9.82
N ARG B 174 -24.31 -6.62 10.96
CA ARG B 174 -25.46 -7.52 11.09
C ARG B 174 -26.72 -6.68 10.94
N MET B 175 -26.62 -5.40 11.32
CA MET B 175 -27.73 -4.46 11.23
C MET B 175 -27.88 -3.90 9.82
N ALA B 176 -26.77 -3.40 9.27
CA ALA B 176 -26.78 -2.82 7.93
C ALA B 176 -27.06 -3.90 6.89
N CYS B 177 -26.25 -4.96 6.96
CA CYS B 177 -26.41 -6.10 6.05
C CYS B 177 -27.13 -7.14 6.90
N GLY B 178 -27.91 -8.02 6.29
CA GLY B 178 -28.62 -9.00 7.10
C GLY B 178 -27.75 -10.04 7.77
N GLU B 179 -28.37 -11.18 8.08
CA GLU B 179 -27.67 -12.30 8.70
C GLU B 179 -27.04 -13.16 7.60
N ASP B 180 -27.42 -12.87 6.36
CA ASP B 180 -26.90 -13.58 5.19
C ASP B 180 -25.55 -13.00 4.78
N PHE B 181 -25.08 -12.00 5.52
CA PHE B 181 -23.79 -11.36 5.26
C PHE B 181 -22.72 -12.26 5.89
N ASN B 182 -21.73 -12.67 5.10
CA ASN B 182 -20.67 -13.54 5.59
C ASN B 182 -19.63 -12.78 6.44
N LEU B 183 -19.65 -13.02 7.76
CA LEU B 183 -18.73 -12.35 8.67
C LEU B 183 -17.50 -13.18 9.04
N LEU B 184 -16.37 -12.87 8.43
CA LEU B 184 -15.12 -13.56 8.74
C LEU B 184 -14.18 -12.56 9.42
N THR B 185 -13.36 -13.03 10.37
CA THR B 185 -12.42 -12.16 11.07
C THR B 185 -11.04 -12.32 10.44
N GLY B 186 -10.27 -11.25 10.48
CA GLY B 186 -8.93 -11.28 9.94
C GLY B 186 -7.91 -11.36 11.08
N GLU B 187 -8.37 -11.28 12.33
CA GLU B 187 -7.44 -11.36 13.45
C GLU B 187 -7.75 -12.46 14.46
N ASP B 188 -6.80 -13.37 14.57
CA ASP B 188 -6.85 -14.54 15.45
C ASP B 188 -7.12 -14.28 16.92
N GLY B 189 -6.34 -13.37 17.52
CA GLY B 189 -6.50 -13.07 18.93
C GLY B 189 -7.88 -12.64 19.42
N THR B 190 -8.70 -12.08 18.53
CA THR B 190 -10.04 -11.63 18.91
C THR B 190 -11.16 -12.36 18.17
N ALA B 191 -10.84 -13.53 17.60
CA ALA B 191 -11.81 -14.34 16.88
C ALA B 191 -12.87 -14.83 17.87
N LEU B 192 -12.43 -15.07 19.11
CA LEU B 192 -13.32 -15.56 20.17
C LEU B 192 -14.48 -14.59 20.35
N GLY B 193 -14.14 -13.32 20.54
CA GLY B 193 -15.16 -12.29 20.71
C GLY B 193 -15.92 -12.01 19.43
N TYR B 194 -15.27 -12.23 18.28
CA TYR B 194 -15.91 -11.98 16.98
C TYR B 194 -17.03 -12.98 16.74
N MET B 195 -16.78 -14.23 17.14
CA MET B 195 -17.76 -15.27 16.96
C MET B 195 -18.96 -15.04 17.87
N ALA B 196 -18.71 -14.52 19.06
CA ALA B 196 -19.80 -14.23 20.01
C ALA B 196 -20.74 -13.21 19.40
N HIS B 197 -20.19 -12.33 18.56
CA HIS B 197 -20.95 -11.28 17.89
C HIS B 197 -21.68 -11.74 16.62
N GLY B 198 -21.64 -13.04 16.35
CA GLY B 198 -22.31 -13.57 15.18
C GLY B 198 -21.38 -13.83 14.01
N GLY B 199 -20.08 -13.94 14.29
CA GLY B 199 -19.10 -14.21 13.25
C GLY B 199 -19.23 -15.63 12.73
N HIS B 200 -18.83 -15.84 11.48
CA HIS B 200 -18.93 -17.16 10.85
C HIS B 200 -17.62 -17.94 10.78
N GLY B 201 -16.50 -17.23 10.91
CA GLY B 201 -15.23 -17.90 10.86
C GLY B 201 -14.08 -16.91 10.88
N CYS B 202 -12.88 -17.40 10.63
CA CYS B 202 -11.70 -16.58 10.66
C CYS B 202 -10.66 -16.97 9.61
N ILE B 203 -10.28 -16.02 8.77
CA ILE B 203 -9.24 -16.27 7.77
C ILE B 203 -8.01 -16.05 8.67
N SER B 204 -7.43 -17.17 9.08
CA SER B 204 -6.34 -17.24 10.05
C SER B 204 -4.85 -17.26 9.71
N VAL B 205 -4.07 -16.71 10.62
CA VAL B 205 -2.62 -16.69 10.53
C VAL B 205 -2.08 -17.87 11.38
N THR B 206 -2.62 -17.99 12.59
CA THR B 206 -2.21 -19.04 13.53
C THR B 206 -2.50 -20.45 13.02
N ALA B 207 -3.55 -20.59 12.22
CA ALA B 207 -3.93 -21.88 11.66
C ALA B 207 -2.79 -22.44 10.79
N ASN B 208 -1.88 -21.58 10.36
CA ASN B 208 -0.75 -22.02 9.55
C ASN B 208 0.13 -22.95 10.39
N VAL B 209 0.30 -22.60 11.67
CA VAL B 209 1.14 -23.38 12.57
C VAL B 209 0.40 -24.39 13.46
N ALA B 210 -0.82 -24.04 13.89
CA ALA B 210 -1.65 -24.91 14.73
C ALA B 210 -3.01 -25.17 14.10
N PRO B 211 -3.03 -25.71 12.86
CA PRO B 211 -4.29 -26.01 12.14
C PRO B 211 -5.39 -26.79 12.86
N ALA B 212 -5.02 -27.86 13.57
CA ALA B 212 -5.99 -28.69 14.28
C ALA B 212 -6.64 -27.95 15.46
N LEU B 213 -5.82 -27.32 16.29
CA LEU B 213 -6.32 -26.56 17.44
C LEU B 213 -7.22 -25.41 16.99
N CYS B 214 -6.80 -24.70 15.94
CA CYS B 214 -7.59 -23.60 15.43
C CYS B 214 -8.91 -24.14 14.86
N ALA B 215 -8.86 -25.34 14.30
CA ALA B 215 -10.06 -25.97 13.77
C ALA B 215 -11.02 -26.24 14.94
N ASP B 216 -10.52 -26.89 15.99
CA ASP B 216 -11.33 -27.20 17.17
C ASP B 216 -11.91 -25.93 17.78
N PHE B 217 -11.08 -24.90 17.90
CA PHE B 217 -11.52 -23.62 18.46
C PHE B 217 -12.71 -23.12 17.66
N GLN B 218 -12.53 -23.03 16.34
CA GLN B 218 -13.60 -22.58 15.44
C GLN B 218 -14.85 -23.44 15.55
N GLN B 219 -14.67 -24.77 15.47
CA GLN B 219 -15.81 -25.67 15.56
C GLN B 219 -16.50 -25.46 16.91
N ALA B 220 -15.72 -25.20 17.95
CA ALA B 220 -16.28 -24.99 19.27
C ALA B 220 -17.18 -23.75 19.26
N CYS B 221 -16.74 -22.69 18.57
CA CYS B 221 -17.52 -21.47 18.47
C CYS B 221 -18.76 -21.69 17.62
N LEU B 222 -18.63 -22.47 16.56
CA LEU B 222 -19.75 -22.79 15.66
C LEU B 222 -20.81 -23.62 16.39
N ASN B 223 -20.38 -24.47 17.32
CA ASN B 223 -21.31 -25.29 18.12
C ASN B 223 -21.89 -24.48 19.27
N GLY B 224 -21.48 -23.21 19.37
CA GLY B 224 -21.96 -22.35 20.44
C GLY B 224 -21.34 -22.73 21.77
N ASP B 225 -20.28 -23.54 21.73
CA ASP B 225 -19.60 -23.97 22.96
C ASP B 225 -18.46 -23.04 23.31
N PHE B 226 -18.82 -21.84 23.80
CA PHE B 226 -17.82 -20.83 24.16
C PHE B 226 -16.96 -21.13 25.37
N ALA B 227 -17.38 -22.07 26.21
CA ALA B 227 -16.59 -22.44 27.38
C ALA B 227 -15.35 -23.21 26.87
N ALA B 228 -15.56 -24.11 25.93
CA ALA B 228 -14.47 -24.90 25.36
C ALA B 228 -13.59 -23.95 24.56
N ALA B 229 -14.24 -23.04 23.83
CA ALA B 229 -13.54 -22.06 23.02
C ALA B 229 -12.61 -21.23 23.90
N LEU B 230 -13.07 -20.88 25.10
CA LEU B 230 -12.24 -20.10 26.00
C LEU B 230 -11.00 -20.90 26.37
N LYS B 231 -11.18 -22.16 26.77
CA LYS B 231 -10.07 -23.04 27.14
C LYS B 231 -9.08 -23.17 25.98
N LEU B 232 -9.61 -23.18 24.77
CA LEU B 232 -8.77 -23.26 23.58
C LEU B 232 -8.00 -21.95 23.43
N GLN B 233 -8.68 -20.82 23.73
CA GLN B 233 -8.05 -19.49 23.67
C GLN B 233 -6.93 -19.46 24.70
N ASP B 234 -7.18 -20.08 25.85
CA ASP B 234 -6.20 -20.15 26.92
C ASP B 234 -4.94 -20.85 26.38
N ARG B 235 -5.15 -21.92 25.62
CA ARG B 235 -4.03 -22.66 25.06
C ARG B 235 -3.36 -21.99 23.87
N LEU B 236 -4.14 -21.24 23.08
CA LEU B 236 -3.62 -20.59 21.86
C LEU B 236 -3.15 -19.14 21.95
N MET B 237 -3.50 -18.41 23.02
CA MET B 237 -3.10 -17.00 23.12
C MET B 237 -1.60 -16.70 23.02
N PRO B 238 -0.74 -17.45 23.74
CA PRO B 238 0.69 -17.18 23.65
C PRO B 238 1.19 -17.22 22.20
N LEU B 239 0.64 -18.13 21.42
CA LEU B 239 1.03 -18.26 20.02
C LEU B 239 0.45 -17.10 19.19
N HIS B 240 -0.79 -16.72 19.48
CA HIS B 240 -1.44 -15.62 18.77
C HIS B 240 -0.62 -14.35 18.88
N ARG B 241 -0.11 -14.04 20.07
CA ARG B 241 0.66 -12.81 20.22
C ARG B 241 2.11 -13.00 19.75
N ALA B 242 2.67 -14.18 20.00
CA ALA B 242 4.04 -14.47 19.59
C ALA B 242 4.18 -14.46 18.07
N LEU B 243 3.12 -14.85 17.37
CA LEU B 243 3.12 -14.88 15.92
C LEU B 243 3.11 -13.47 15.33
N PHE B 244 2.75 -12.48 16.15
CA PHE B 244 2.71 -11.10 15.71
C PHE B 244 3.72 -10.21 16.43
N LEU B 245 4.72 -10.83 17.05
CA LEU B 245 5.75 -10.08 17.78
C LEU B 245 6.30 -8.98 16.92
N GLU B 246 6.73 -9.34 15.71
CA GLU B 246 7.22 -8.34 14.77
C GLU B 246 6.15 -8.27 13.68
N THR B 247 6.54 -8.34 12.41
CA THR B 247 5.52 -8.28 11.35
C THR B 247 5.20 -9.58 10.63
N ASN B 248 3.92 -9.94 10.64
CA ASN B 248 3.41 -11.15 9.99
C ASN B 248 3.66 -11.05 8.47
N PRO B 249 4.01 -12.18 7.82
CA PRO B 249 4.23 -13.54 8.34
C PRO B 249 5.65 -13.92 8.78
N ALA B 250 6.39 -13.05 9.44
CA ALA B 250 7.74 -13.39 9.86
C ALA B 250 7.76 -14.47 10.94
N GLY B 251 6.82 -14.39 11.89
CA GLY B 251 6.75 -15.38 12.95
C GLY B 251 6.16 -16.70 12.49
N ALA B 252 5.16 -16.62 11.61
CA ALA B 252 4.53 -17.81 11.08
C ALA B 252 5.52 -18.64 10.27
N LYS B 253 6.42 -17.97 9.54
CA LYS B 253 7.42 -18.68 8.75
C LYS B 253 8.52 -19.25 9.62
N TYR B 254 8.81 -18.58 10.72
CA TYR B 254 9.82 -19.09 11.63
C TYR B 254 9.24 -20.32 12.30
N ALA B 255 7.98 -20.21 12.69
CA ALA B 255 7.30 -21.32 13.35
C ALA B 255 7.23 -22.56 12.44
N LEU B 256 6.78 -22.39 11.20
CA LEU B 256 6.68 -23.50 10.25
C LEU B 256 8.04 -24.08 9.89
N GLN B 257 9.06 -23.25 9.90
CA GLN B 257 10.43 -23.69 9.61
C GLN B 257 10.95 -24.50 10.82
N ARG B 258 10.62 -24.02 12.02
CA ARG B 258 11.01 -24.69 13.27
C ARG B 258 10.38 -26.08 13.35
N LEU B 259 9.29 -26.27 12.59
CA LEU B 259 8.56 -27.54 12.55
C LEU B 259 9.06 -28.41 11.39
N GLY B 260 10.04 -27.91 10.65
CA GLY B 260 10.58 -28.65 9.51
C GLY B 260 9.62 -28.81 8.35
N ARG B 261 8.73 -27.83 8.17
CA ARG B 261 7.74 -27.88 7.09
C ARG B 261 8.06 -26.98 5.89
N MET B 262 9.12 -26.19 6.00
CA MET B 262 9.55 -25.31 4.91
C MET B 262 10.76 -24.54 5.35
N ARG B 263 11.39 -23.85 4.40
CA ARG B 263 12.54 -23.01 4.74
C ARG B 263 11.88 -21.72 5.25
N GLY B 264 12.56 -20.99 6.13
CA GLY B 264 11.97 -19.77 6.66
C GLY B 264 12.16 -18.54 5.80
N ASP B 265 12.60 -18.73 4.56
CA ASP B 265 12.85 -17.63 3.65
C ASP B 265 11.73 -16.60 3.52
N LEU B 266 12.08 -15.33 3.74
CA LEU B 266 11.15 -14.22 3.61
C LEU B 266 11.71 -13.31 2.53
N ARG B 267 10.85 -12.53 1.88
CA ARG B 267 11.31 -11.63 0.84
C ARG B 267 11.31 -10.18 1.29
N LEU B 268 12.39 -9.46 0.95
CA LEU B 268 12.54 -8.06 1.31
C LEU B 268 11.35 -7.29 0.76
N PRO B 269 10.94 -6.20 1.43
CA PRO B 269 11.47 -5.59 2.65
C PRO B 269 11.24 -6.32 3.98
N LEU B 270 10.62 -7.51 3.95
CA LEU B 270 10.42 -8.24 5.19
C LEU B 270 11.69 -9.00 5.53
N VAL B 271 11.96 -9.17 6.82
CA VAL B 271 13.13 -9.90 7.28
C VAL B 271 12.79 -10.83 8.43
N THR B 272 13.66 -11.81 8.64
CA THR B 272 13.49 -12.81 9.70
C THR B 272 13.22 -12.17 11.06
N ILE B 273 12.30 -12.77 11.79
CA ILE B 273 11.93 -12.26 13.11
C ILE B 273 13.15 -12.26 14.03
N SER B 274 13.19 -11.34 14.98
CA SER B 274 14.30 -11.25 15.94
C SER B 274 14.45 -12.53 16.77
N PRO B 275 15.70 -12.96 17.02
CA PRO B 275 16.02 -14.17 17.79
C PRO B 275 15.31 -14.36 19.14
N SER B 276 15.24 -13.32 19.95
CA SER B 276 14.57 -13.44 21.25
C SER B 276 13.10 -13.77 21.03
N PHE B 277 12.55 -13.30 19.90
CA PHE B 277 11.17 -13.53 19.55
C PHE B 277 10.98 -14.95 19.06
N GLN B 278 12.06 -15.52 18.53
CA GLN B 278 12.04 -16.89 18.04
C GLN B 278 11.86 -17.83 19.22
N GLU B 279 12.46 -17.47 20.36
CA GLU B 279 12.33 -18.26 21.57
C GLU B 279 10.90 -18.16 22.09
N GLU B 280 10.36 -16.94 22.12
CA GLU B 280 8.99 -16.76 22.58
C GLU B 280 8.02 -17.59 21.75
N ILE B 281 8.29 -17.68 20.45
CA ILE B 281 7.44 -18.45 19.57
C ILE B 281 7.57 -19.92 19.90
N ASP B 282 8.79 -20.35 20.23
CA ASP B 282 9.08 -21.74 20.61
C ASP B 282 8.30 -22.14 21.85
N ASP B 283 8.38 -21.32 22.89
CA ASP B 283 7.67 -21.61 24.13
C ASP B 283 6.16 -21.52 23.94
N ALA B 284 5.74 -20.67 22.99
CA ALA B 284 4.33 -20.49 22.70
C ALA B 284 3.78 -21.78 22.07
N MET B 285 4.58 -22.41 21.23
CA MET B 285 4.18 -23.65 20.59
C MET B 285 4.26 -24.80 21.58
N ARG B 286 5.25 -24.73 22.48
CA ARG B 286 5.37 -25.77 23.48
C ARG B 286 4.15 -25.70 24.38
N HIS B 287 3.68 -24.48 24.65
CA HIS B 287 2.51 -24.26 25.49
C HIS B 287 1.23 -24.79 24.83
N ALA B 288 1.15 -24.67 23.50
CA ALA B 288 -0.03 -25.14 22.76
C ALA B 288 0.03 -26.65 22.51
N GLY B 289 1.19 -27.24 22.75
CA GLY B 289 1.36 -28.67 22.55
C GLY B 289 1.92 -29.01 21.18
N ILE B 290 2.16 -27.99 20.37
CA ILE B 290 2.68 -28.16 19.02
C ILE B 290 4.16 -28.59 19.03
N LEU B 291 4.94 -27.94 19.88
CA LEU B 291 6.37 -28.19 19.98
C LEU B 291 6.69 -29.09 21.17
N LEU B 292 7.48 -30.13 20.94
CA LEU B 292 7.84 -31.06 21.99
C LEU B 292 8.97 -30.47 22.84
#